data_1S2N
#
_entry.id   1S2N
#
_cell.length_a   44.425
_cell.length_b   36.842
_cell.length_c   143.065
_cell.angle_alpha   90.00
_cell.angle_beta   93.88
_cell.angle_gamma   90.00
#
_symmetry.space_group_name_H-M   'P 1 21 1'
#
loop_
_entity.id
_entity.type
_entity.pdbx_description
1 polymer 'extracellular subtilisin-like serine proteinase'
2 non-polymer 'CALCIUM ION'
3 non-polymer 'phenylmethanesulfonic acid'
4 water water
#
_entity_poly.entity_id   1
_entity_poly.type   'polypeptide(L)'
_entity_poly.pdbx_seq_one_letter_code
;QSNAIWGLDRIDQRNLPLDRNYNANFDGFGVTAYVIDTGVNNNHEEFGGRSVSGYDFVDNDADSSDCNGHGTHVAGTIGG
SQYGVAKNVNIVGVRVLSCSGSGTTSGVISGVDWVAQNASGPSVANMSLGGGQSTALDSAVQGAIQSGVSFMLAAGNSNA
DACNTSPARVPSGVTVGSTTSSDSRSSFSNWGSCVDLFAPGSQIKSAWYDGGYKTISGTSMATPHVAGVAALYLQENNGL
TPLQLTGLLNSRASENKVSDTRGTTNKLLYSLADSGCEPDCGGP
;
_entity_poly.pdbx_strand_id   A,B
#
loop_
_chem_comp.id
_chem_comp.type
_chem_comp.name
_chem_comp.formula
CA non-polymer 'CALCIUM ION' 'Ca 2'
PMS non-polymer 'phenylmethanesulfonic acid' 'C7 H8 O3 S'
#
# COMPACT_ATOMS: atom_id res chain seq x y z
N GLN A 1 27.96 7.37 3.07
CA GLN A 1 27.33 6.03 2.93
C GLN A 1 28.16 5.14 1.99
N SER A 2 28.50 3.93 2.45
CA SER A 2 29.43 3.03 1.72
C SER A 2 28.88 2.43 0.40
N ASN A 3 27.56 2.41 0.26
CA ASN A 3 26.89 1.75 -0.86
C ASN A 3 25.69 2.59 -1.31
N ALA A 4 25.92 3.88 -1.54
CA ALA A 4 24.84 4.82 -1.83
C ALA A 4 24.27 4.59 -3.23
N ILE A 5 22.95 4.67 -3.34
CA ILE A 5 22.29 4.70 -4.65
C ILE A 5 22.67 5.98 -5.39
N TRP A 6 22.55 5.97 -6.71
CA TRP A 6 23.22 6.96 -7.54
C TRP A 6 22.81 8.42 -7.31
N GLY A 7 21.52 8.65 -7.01
CA GLY A 7 21.00 10.00 -6.90
C GLY A 7 21.52 10.77 -5.70
N LEU A 8 21.57 10.09 -4.56
CA LEU A 8 22.17 10.65 -3.36
C LEU A 8 23.66 10.84 -3.60
N ASP A 9 24.26 9.82 -4.21
CA ASP A 9 25.68 9.82 -4.56
C ASP A 9 26.06 11.04 -5.40
N ARG A 10 25.17 11.47 -6.27
CA ARG A 10 25.47 12.53 -7.23
C ARG A 10 25.45 13.93 -6.62
N ILE A 11 24.52 14.17 -5.69
CA ILE A 11 24.26 15.53 -5.20
C ILE A 11 25.28 16.03 -4.15
N ASP A 12 26.17 15.16 -3.69
CA ASP A 12 27.20 15.58 -2.72
C ASP A 12 28.56 15.87 -3.36
N GLN A 13 28.61 15.86 -4.69
CA GLN A 13 29.84 16.13 -5.45
C GLN A 13 29.57 16.97 -6.71
N ARG A 14 30.65 17.52 -7.25
CA ARG A 14 30.58 18.39 -8.41
C ARG A 14 30.61 17.60 -9.71
N ASN A 15 31.51 16.64 -9.82
CA ASN A 15 31.75 15.94 -11.07
C ASN A 15 31.59 14.43 -10.98
N LEU A 16 31.27 13.82 -12.12
CA LEU A 16 31.45 12.39 -12.32
C LEU A 16 32.97 12.14 -12.35
N PRO A 17 33.44 10.94 -11.98
CA PRO A 17 32.59 9.78 -11.71
C PRO A 17 32.04 9.72 -10.28
N LEU A 18 30.95 8.96 -10.14
CA LEU A 18 30.34 8.68 -8.85
C LEU A 18 31.35 7.93 -7.95
N ASP A 19 31.23 8.10 -6.63
CA ASP A 19 32.16 7.46 -5.68
C ASP A 19 31.47 6.54 -4.68
N ARG A 20 30.20 6.20 -4.93
CA ARG A 20 29.41 5.32 -4.07
C ARG A 20 29.22 5.83 -2.62
N ASN A 21 29.37 7.13 -2.42
CA ASN A 21 29.21 7.76 -1.12
C ASN A 21 28.19 8.89 -1.14
N TYR A 22 27.34 8.94 -0.12
CA TYR A 22 26.53 10.11 0.14
C TYR A 22 26.98 10.73 1.48
N ASN A 23 27.67 11.86 1.38
CA ASN A 23 28.16 12.60 2.53
C ASN A 23 27.16 13.67 2.95
N ALA A 24 27.02 13.84 4.26
CA ALA A 24 26.09 14.82 4.80
C ALA A 24 26.61 15.43 6.10
N ASN A 25 26.47 16.74 6.21
CA ASN A 25 26.78 17.47 7.42
C ASN A 25 25.52 17.76 8.23
N PHE A 26 24.38 17.53 7.60
CA PHE A 26 23.08 17.74 8.23
C PHE A 26 22.14 16.59 7.85
N ASP A 27 21.04 16.45 8.60
CA ASP A 27 20.01 15.46 8.30
C ASP A 27 18.57 16.00 8.27
N GLY A 28 18.43 17.33 8.28
CA GLY A 28 17.13 17.98 8.38
C GLY A 28 16.36 17.73 9.68
N PHE A 29 17.06 17.49 10.78
CA PHE A 29 16.42 17.42 12.09
C PHE A 29 15.83 18.79 12.44
N GLY A 30 14.58 18.81 12.88
CA GLY A 30 13.91 20.02 13.29
C GLY A 30 13.14 20.69 12.15
N VAL A 31 13.13 20.07 10.97
CA VAL A 31 12.32 20.59 9.88
C VAL A 31 11.28 19.55 9.45
N THR A 32 10.26 20.01 8.74
CA THR A 32 9.16 19.16 8.34
C THR A 32 8.90 19.32 6.85
N ALA A 33 8.94 18.21 6.13
CA ALA A 33 8.59 18.20 4.71
C ALA A 33 7.13 17.78 4.55
N TYR A 34 6.32 18.66 3.97
CA TYR A 34 4.94 18.34 3.61
C TYR A 34 4.89 17.77 2.21
N VAL A 35 4.54 16.50 2.10
CA VAL A 35 4.49 15.79 0.83
C VAL A 35 3.07 15.79 0.26
N ILE A 36 2.83 16.63 -0.74
CA ILE A 36 1.53 16.80 -1.37
C ILE A 36 1.45 15.87 -2.57
N ASP A 37 0.85 14.69 -2.39
CA ASP A 37 0.92 13.59 -3.34
C ASP A 37 -0.22 12.57 -3.11
N THR A 38 0.04 11.28 -3.39
CA THR A 38 -0.97 10.24 -3.20
C THR A 38 -1.08 9.77 -1.74
N GLY A 39 -0.44 10.50 -0.84
CA GLY A 39 -0.30 10.10 0.56
C GLY A 39 1.07 9.53 0.83
N VAL A 40 1.28 9.06 2.06
CA VAL A 40 2.51 8.34 2.41
C VAL A 40 2.24 7.25 3.46
N ASN A 41 2.92 6.13 3.28
CA ASN A 41 2.90 5.01 4.21
C ASN A 41 3.67 5.40 5.45
N ASN A 42 2.95 5.82 6.49
CA ASN A 42 3.56 6.22 7.75
C ASN A 42 4.36 5.09 8.41
N ASN A 43 3.87 3.86 8.25
CA ASN A 43 4.49 2.70 8.88
C ASN A 43 5.71 2.15 8.15
N HIS A 44 6.06 2.72 7.00
CA HIS A 44 7.22 2.24 6.25
C HIS A 44 8.46 2.31 7.13
N GLU A 45 9.34 1.30 6.99
CA GLU A 45 10.53 1.18 7.82
C GLU A 45 11.58 2.27 7.55
N GLU A 46 11.52 2.87 6.35
CA GLU A 46 12.41 3.97 5.97
C GLU A 46 12.24 5.24 6.81
N PHE A 47 11.09 5.38 7.47
CA PHE A 47 10.79 6.61 8.21
C PHE A 47 11.05 6.50 9.72
N GLY A 48 11.13 5.29 10.26
CA GLY A 48 11.43 5.09 11.67
C GLY A 48 10.59 5.92 12.63
N GLY A 49 9.29 6.07 12.31
CA GLY A 49 8.36 6.80 13.14
C GLY A 49 8.30 8.29 12.90
N ARG A 50 8.90 8.77 11.81
CA ARG A 50 9.03 10.22 11.55
C ARG A 50 8.01 10.75 10.54
N SER A 51 7.24 9.84 9.95
CA SER A 51 6.13 10.23 9.09
C SER A 51 4.81 10.09 9.85
N VAL A 52 3.99 11.13 9.80
CA VAL A 52 2.63 11.09 10.34
C VAL A 52 1.64 11.61 9.30
N SER A 53 0.37 11.34 9.53
CA SER A 53 -0.68 11.84 8.65
C SER A 53 -0.88 13.34 8.86
N GLY A 54 -1.36 14.02 7.81
CA GLY A 54 -1.68 15.43 7.88
C GLY A 54 -3.18 15.57 7.65
N TYR A 55 -3.58 15.51 6.39
CA TYR A 55 -4.98 15.37 6.01
C TYR A 55 -5.13 14.69 4.66
N ASP A 56 -6.32 14.14 4.41
CA ASP A 56 -6.64 13.45 3.17
C ASP A 56 -7.81 14.17 2.48
N PHE A 57 -7.50 14.95 1.45
CA PHE A 57 -8.50 15.75 0.75
C PHE A 57 -9.22 15.03 -0.39
N VAL A 58 -8.80 13.80 -0.67
CA VAL A 58 -9.48 12.94 -1.64
C VAL A 58 -10.72 12.30 -1.01
N ASP A 59 -10.55 11.70 0.17
CA ASP A 59 -11.62 11.00 0.89
C ASP A 59 -12.16 11.77 2.12
N ASN A 60 -11.63 12.96 2.37
CA ASN A 60 -11.99 13.79 3.52
C ASN A 60 -11.93 13.06 4.85
N ASP A 61 -10.77 12.50 5.16
CA ASP A 61 -10.51 11.85 6.45
C ASP A 61 -9.14 12.23 7.01
N ALA A 62 -8.81 11.74 8.19
CA ALA A 62 -7.57 12.12 8.89
C ALA A 62 -6.39 11.23 8.58
N ASP A 63 -6.62 10.20 7.76
CA ASP A 63 -5.60 9.20 7.44
C ASP A 63 -5.09 9.38 6.01
N SER A 64 -3.91 9.98 5.89
CA SER A 64 -3.29 10.26 4.59
C SER A 64 -2.42 9.09 4.09
N SER A 65 -2.83 7.86 4.40
CA SER A 65 -2.10 6.66 3.98
C SER A 65 -2.07 6.58 2.46
N ASP A 66 -0.98 6.01 1.93
CA ASP A 66 -0.75 5.88 0.50
C ASP A 66 -1.25 4.55 -0.04
N CYS A 67 -2.05 4.58 -1.11
CA CYS A 67 -2.51 3.35 -1.79
C CYS A 67 -2.16 3.36 -3.28
N ASN A 68 -1.22 4.20 -3.69
CA ASN A 68 -0.69 4.24 -5.06
C ASN A 68 0.78 3.87 -5.12
N GLY A 69 1.58 4.47 -4.23
CA GLY A 69 3.01 4.25 -4.16
C GLY A 69 3.84 5.52 -4.35
N HIS A 70 3.35 6.42 -5.19
CA HIS A 70 4.14 7.57 -5.66
C HIS A 70 4.55 8.48 -4.52
N GLY A 71 3.59 8.84 -3.66
CA GLY A 71 3.83 9.73 -2.55
C GLY A 71 4.72 9.16 -1.45
N THR A 72 4.70 7.84 -1.30
CA THR A 72 5.61 7.15 -0.39
C THR A 72 7.03 7.21 -0.94
N HIS A 73 7.13 7.05 -2.26
CA HIS A 73 8.40 7.05 -2.97
C HIS A 73 9.08 8.42 -2.84
N VAL A 74 8.35 9.50 -3.11
CA VAL A 74 8.92 10.83 -3.05
C VAL A 74 9.23 11.20 -1.59
N ALA A 75 8.42 10.71 -0.66
CA ALA A 75 8.66 10.95 0.76
C ALA A 75 9.90 10.19 1.23
N GLY A 76 10.18 9.05 0.61
CA GLY A 76 11.35 8.26 0.92
C GLY A 76 12.63 8.89 0.40
N THR A 77 12.52 9.61 -0.71
CA THR A 77 13.67 10.29 -1.31
C THR A 77 14.03 11.53 -0.51
N ILE A 78 13.04 12.17 0.11
CA ILE A 78 13.27 13.32 0.98
C ILE A 78 13.92 12.89 2.30
N GLY A 79 13.38 11.85 2.94
CA GLY A 79 13.75 11.54 4.31
C GLY A 79 13.90 10.08 4.69
N GLY A 80 14.06 9.20 3.71
CA GLY A 80 14.29 7.80 3.99
C GLY A 80 15.67 7.56 4.56
N SER A 81 15.77 6.62 5.50
CA SER A 81 17.01 6.36 6.22
C SER A 81 18.12 5.90 5.28
N GLN A 82 17.81 4.92 4.44
CA GLN A 82 18.75 4.39 3.47
C GLN A 82 18.81 5.20 2.18
N TYR A 83 17.65 5.48 1.61
CA TYR A 83 17.54 6.06 0.27
C TYR A 83 17.08 7.52 0.25
N GLY A 84 17.25 8.22 1.36
CA GLY A 84 16.81 9.60 1.49
C GLY A 84 17.95 10.58 1.71
N VAL A 85 17.64 11.85 1.45
CA VAL A 85 18.61 12.94 1.47
C VAL A 85 18.80 13.43 2.90
N ALA A 86 17.67 13.69 3.55
CA ALA A 86 17.65 14.23 4.89
C ALA A 86 17.11 13.16 5.85
N LYS A 87 18.03 12.40 6.46
CA LYS A 87 17.70 11.14 7.14
C LYS A 87 17.07 11.25 8.54
N ASN A 88 16.86 12.47 9.03
CA ASN A 88 16.08 12.71 10.26
C ASN A 88 15.02 13.81 10.14
N VAL A 89 14.61 14.10 8.91
CA VAL A 89 13.52 15.02 8.66
C VAL A 89 12.20 14.44 9.17
N ASN A 90 11.25 15.33 9.44
CA ASN A 90 9.87 14.96 9.68
C ASN A 90 9.07 15.01 8.39
N ILE A 91 8.23 14.00 8.18
CA ILE A 91 7.37 13.88 7.01
C ILE A 91 5.92 14.02 7.44
N VAL A 92 5.15 14.82 6.71
CA VAL A 92 3.72 14.96 6.94
C VAL A 92 3.04 14.71 5.60
N GLY A 93 2.26 13.64 5.54
CA GLY A 93 1.52 13.30 4.34
C GLY A 93 0.31 14.17 4.17
N VAL A 94 0.16 14.76 2.98
CA VAL A 94 -1.05 15.48 2.62
C VAL A 94 -1.58 14.87 1.32
N ARG A 95 -2.62 14.05 1.44
CA ARG A 95 -3.14 13.26 0.33
C ARG A 95 -4.13 14.04 -0.57
N VAL A 96 -3.70 14.38 -1.79
CA VAL A 96 -4.53 15.09 -2.77
C VAL A 96 -4.80 14.33 -4.07
N LEU A 97 -4.12 13.19 -4.25
CA LEU A 97 -4.32 12.33 -5.42
C LEU A 97 -4.77 10.95 -4.97
N SER A 98 -5.63 10.32 -5.77
CA SER A 98 -6.26 9.05 -5.40
C SER A 98 -5.31 7.85 -5.53
N CYS A 99 -5.84 6.64 -5.40
CA CYS A 99 -5.02 5.43 -5.53
C CYS A 99 -4.49 5.25 -6.95
N SER A 100 -5.23 5.77 -7.93
CA SER A 100 -4.84 5.71 -9.33
C SER A 100 -3.99 6.91 -9.77
N GLY A 101 -3.77 7.87 -8.88
CA GLY A 101 -2.98 9.05 -9.18
C GLY A 101 -3.78 10.24 -9.68
N SER A 102 -5.10 10.05 -9.85
CA SER A 102 -5.98 11.11 -10.33
C SER A 102 -6.42 12.02 -9.19
N GLY A 103 -6.39 13.33 -9.45
CA GLY A 103 -6.92 14.30 -8.51
C GLY A 103 -7.56 15.48 -9.22
N THR A 104 -8.39 16.21 -8.49
CA THR A 104 -8.99 17.45 -8.97
C THR A 104 -8.12 18.63 -8.55
N THR A 105 -8.25 19.74 -9.28
CA THR A 105 -7.52 20.96 -8.95
C THR A 105 -7.98 21.54 -7.61
N SER A 106 -9.26 21.32 -7.28
CA SER A 106 -9.84 21.79 -6.04
C SER A 106 -9.23 21.10 -4.82
N GLY A 107 -9.03 19.79 -4.93
CA GLY A 107 -8.47 18.99 -3.86
C GLY A 107 -6.98 19.24 -3.66
N VAL A 108 -6.28 19.55 -4.75
CA VAL A 108 -4.84 19.84 -4.67
C VAL A 108 -4.65 21.22 -4.03
N ILE A 109 -5.53 22.15 -4.37
CA ILE A 109 -5.56 23.48 -3.77
C ILE A 109 -5.82 23.40 -2.25
N SER A 110 -6.75 22.54 -1.85
CA SER A 110 -7.08 22.36 -0.44
C SER A 110 -5.85 21.87 0.34
N GLY A 111 -5.04 21.02 -0.28
CA GLY A 111 -3.81 20.52 0.32
C GLY A 111 -2.74 21.59 0.41
N VAL A 112 -2.67 22.47 -0.59
CA VAL A 112 -1.69 23.56 -0.59
C VAL A 112 -2.05 24.56 0.50
N ASP A 113 -3.32 24.93 0.56
CA ASP A 113 -3.84 25.82 1.61
C ASP A 113 -3.63 25.21 3.00
N TRP A 114 -3.81 23.90 3.11
CA TRP A 114 -3.67 23.21 4.39
C TRP A 114 -2.23 23.30 4.89
N VAL A 115 -1.27 23.18 3.98
CA VAL A 115 0.14 23.28 4.33
C VAL A 115 0.47 24.70 4.79
N ALA A 116 -0.08 25.69 4.08
CA ALA A 116 0.14 27.10 4.45
C ALA A 116 -0.37 27.38 5.85
N GLN A 117 -1.49 26.75 6.21
CA GLN A 117 -2.20 27.04 7.47
C GLN A 117 -1.63 26.25 8.66
N ASN A 118 -0.96 25.12 8.40
CA ASN A 118 -0.56 24.18 9.44
C ASN A 118 0.93 24.08 9.70
N ALA A 119 1.74 24.59 8.79
CA ALA A 119 3.19 24.60 8.98
C ALA A 119 3.48 25.34 10.25
N SER A 120 4.38 24.81 11.07
CA SER A 120 4.71 25.42 12.36
C SER A 120 6.14 25.95 12.34
N GLY A 121 7.11 25.05 12.42
CA GLY A 121 8.52 25.41 12.42
C GLY A 121 9.09 25.48 11.01
N PRO A 122 10.40 25.25 10.89
CA PRO A 122 11.06 25.22 9.58
C PRO A 122 10.38 24.19 8.67
N SER A 123 9.88 24.63 7.52
CA SER A 123 9.03 23.77 6.68
C SER A 123 9.33 23.88 5.19
N VAL A 124 9.01 22.82 4.46
CA VAL A 124 9.17 22.77 3.01
C VAL A 124 8.10 21.86 2.40
N ALA A 125 7.39 22.35 1.40
CA ALA A 125 6.41 21.56 0.66
C ALA A 125 7.02 20.97 -0.62
N ASN A 126 6.49 19.82 -1.03
CA ASN A 126 6.95 19.08 -2.22
C ASN A 126 5.73 18.68 -3.03
N MET A 127 5.66 19.15 -4.27
CA MET A 127 4.54 18.87 -5.15
C MET A 127 5.04 18.14 -6.39
N SER A 128 5.21 16.82 -6.27
CA SER A 128 5.59 15.98 -7.41
C SER A 128 4.37 15.64 -8.27
N LEU A 129 3.74 16.67 -8.82
CA LEU A 129 2.56 16.50 -9.65
C LEU A 129 2.40 17.67 -10.58
N GLY A 130 1.64 17.46 -11.64
CA GLY A 130 1.45 18.47 -12.65
C GLY A 130 0.35 18.11 -13.63
N GLY A 131 0.06 19.08 -14.49
CA GLY A 131 -1.01 18.95 -15.45
C GLY A 131 -1.20 20.27 -16.17
N GLY A 132 -2.40 20.47 -16.68
CA GLY A 132 -2.68 21.64 -17.50
C GLY A 132 -2.66 22.92 -16.70
N GLN A 133 -2.72 24.02 -17.42
CA GLN A 133 -2.69 25.35 -16.82
C GLN A 133 -3.84 25.52 -15.82
N SER A 134 -3.59 26.29 -14.76
CA SER A 134 -4.59 26.57 -13.72
C SER A 134 -4.16 27.76 -12.90
N THR A 135 -4.72 28.94 -13.20
CA THR A 135 -4.40 30.14 -12.44
C THR A 135 -4.83 30.00 -10.99
N ALA A 136 -5.92 29.27 -10.74
CA ALA A 136 -6.41 29.04 -9.38
C ALA A 136 -5.41 28.22 -8.58
N LEU A 137 -4.82 27.20 -9.21
CA LEU A 137 -3.80 26.40 -8.55
C LEU A 137 -2.52 27.20 -8.37
N ASP A 138 -2.09 27.87 -9.44
CA ASP A 138 -0.93 28.75 -9.38
C ASP A 138 -1.05 29.73 -8.23
N SER A 139 -2.23 30.30 -8.08
CA SER A 139 -2.50 31.35 -7.11
C SER A 139 -2.42 30.85 -5.66
N ALA A 140 -2.84 29.61 -5.45
CA ALA A 140 -2.76 28.97 -4.13
C ALA A 140 -1.32 28.67 -3.73
N VAL A 141 -0.50 28.27 -4.70
CA VAL A 141 0.90 27.95 -4.45
C VAL A 141 1.70 29.23 -4.25
N GLN A 142 1.40 30.25 -5.06
CA GLN A 142 1.96 31.59 -4.91
C GLN A 142 1.66 32.13 -3.51
N GLY A 143 0.47 31.83 -3.01
CA GLY A 143 0.06 32.28 -1.68
C GLY A 143 0.73 31.54 -0.53
N ALA A 144 1.02 30.26 -0.70
CA ALA A 144 1.65 29.46 0.36
C ALA A 144 3.13 29.83 0.51
N ILE A 145 3.78 30.11 -0.62
CA ILE A 145 5.16 30.59 -0.63
C ILE A 145 5.22 31.97 -0.01
N GLN A 146 4.20 32.80 -0.24
CA GLN A 146 4.12 34.13 0.35
C GLN A 146 3.97 34.05 1.88
N SER A 147 3.35 32.99 2.36
CA SER A 147 3.20 32.77 3.81
C SER A 147 4.50 32.28 4.50
N GLY A 148 5.50 31.87 3.70
CA GLY A 148 6.82 31.55 4.19
C GLY A 148 7.24 30.09 4.08
N VAL A 149 6.60 29.34 3.19
CA VAL A 149 6.94 27.93 2.98
C VAL A 149 7.41 27.72 1.54
N SER A 150 8.62 27.17 1.39
CA SER A 150 9.17 26.93 0.07
C SER A 150 8.51 25.73 -0.57
N PHE A 151 8.12 25.86 -1.82
CA PHE A 151 7.49 24.79 -2.58
C PHE A 151 8.39 24.28 -3.69
N MET A 152 8.80 23.02 -3.59
CA MET A 152 9.48 22.32 -4.67
C MET A 152 8.40 21.72 -5.59
N LEU A 153 8.58 21.91 -6.89
CA LEU A 153 7.56 21.55 -7.90
C LEU A 153 8.17 20.79 -9.08
N ALA A 154 7.59 19.66 -9.44
CA ALA A 154 8.08 18.88 -10.58
C ALA A 154 7.81 19.61 -11.91
N ALA A 155 8.78 19.54 -12.82
CA ALA A 155 8.71 20.26 -14.09
C ALA A 155 7.70 19.67 -15.07
N GLY A 156 7.52 18.35 -15.02
CA GLY A 156 6.67 17.61 -15.97
C GLY A 156 7.49 16.62 -16.78
N ASN A 157 6.83 15.66 -17.41
CA ASN A 157 7.52 14.57 -18.11
C ASN A 157 7.14 14.42 -19.59
N SER A 158 6.88 15.52 -20.28
CA SER A 158 6.42 15.48 -21.67
C SER A 158 7.43 16.01 -22.71
N ASN A 159 8.69 16.17 -22.30
CA ASN A 159 9.74 16.71 -23.17
C ASN A 159 9.29 18.05 -23.78
N ALA A 160 8.70 18.88 -22.93
CA ALA A 160 8.06 20.12 -23.35
C ALA A 160 8.44 21.27 -22.43
N ASP A 161 7.97 22.46 -22.78
CA ASP A 161 8.17 23.67 -21.99
C ASP A 161 7.39 23.58 -20.68
N ALA A 162 8.09 23.71 -19.55
CA ALA A 162 7.48 23.63 -18.23
C ALA A 162 6.62 24.85 -17.89
N CYS A 163 6.67 25.88 -18.75
CA CYS A 163 5.90 27.11 -18.54
C CYS A 163 4.41 26.95 -18.87
N ASN A 164 4.07 25.88 -19.58
CA ASN A 164 2.67 25.56 -19.90
C ASN A 164 2.03 24.57 -18.93
N THR A 165 2.70 24.30 -17.81
CA THR A 165 2.24 23.35 -16.78
C THR A 165 2.04 24.05 -15.44
N SER A 166 0.97 23.71 -14.73
CA SER A 166 0.76 24.13 -13.34
C SER A 166 0.90 22.93 -12.39
N PRO A 167 1.50 23.10 -11.21
CA PRO A 167 2.01 24.39 -10.70
C PRO A 167 3.42 24.74 -11.13
N ALA A 168 4.05 23.93 -11.99
CA ALA A 168 5.45 24.13 -12.40
C ALA A 168 5.83 25.57 -12.79
N ARG A 169 4.90 26.27 -13.44
CA ARG A 169 5.19 27.57 -14.05
C ARG A 169 5.21 28.73 -13.05
N VAL A 170 4.87 28.46 -11.79
CA VAL A 170 4.83 29.47 -10.74
C VAL A 170 6.26 29.95 -10.49
N PRO A 171 6.59 31.21 -10.80
CA PRO A 171 7.97 31.68 -10.67
C PRO A 171 8.59 31.49 -9.28
N SER A 172 7.86 31.85 -8.21
CA SER A 172 8.42 31.80 -6.86
C SER A 172 8.69 30.36 -6.36
N GLY A 173 8.12 29.38 -7.04
CA GLY A 173 8.44 27.99 -6.76
C GLY A 173 9.81 27.58 -7.28
N VAL A 174 10.28 26.44 -6.80
CA VAL A 174 11.51 25.83 -7.28
C VAL A 174 11.15 24.64 -8.18
N THR A 175 11.19 24.86 -9.49
CA THR A 175 10.76 23.87 -10.46
C THR A 175 11.94 23.00 -10.89
N VAL A 176 11.77 21.69 -10.79
CA VAL A 176 12.90 20.74 -10.88
C VAL A 176 12.76 19.82 -12.08
N GLY A 177 13.76 19.84 -12.96
CA GLY A 177 13.90 18.90 -14.06
C GLY A 177 14.67 17.68 -13.59
N SER A 178 14.74 16.67 -14.45
CA SER A 178 15.32 15.37 -14.09
C SER A 178 16.56 15.08 -14.92
N THR A 179 17.52 14.38 -14.30
CA THR A 179 18.71 13.88 -14.98
C THR A 179 18.96 12.41 -14.68
N THR A 180 19.86 11.80 -15.46
CA THR A 180 20.31 10.43 -15.26
C THR A 180 21.71 10.48 -14.64
N SER A 181 22.31 9.31 -14.42
CA SER A 181 23.63 9.22 -13.76
C SER A 181 24.79 9.49 -14.71
N SER A 182 24.49 9.64 -16.00
CA SER A 182 25.47 10.10 -16.99
C SER A 182 25.46 11.63 -17.14
N ASP A 183 24.71 12.30 -16.28
CA ASP A 183 24.52 13.76 -16.32
C ASP A 183 23.77 14.29 -17.52
N SER A 184 23.10 13.43 -18.27
CA SER A 184 22.19 13.91 -19.30
C SER A 184 20.89 14.30 -18.67
N ARG A 185 20.21 15.26 -19.28
CA ARG A 185 18.81 15.50 -19.00
C ARG A 185 18.09 14.21 -19.33
N SER A 186 17.24 13.74 -18.42
CA SER A 186 16.40 12.59 -18.70
C SER A 186 15.57 12.93 -19.93
N SER A 187 15.42 11.97 -20.83
CA SER A 187 14.81 12.23 -22.15
C SER A 187 13.35 12.63 -22.09
N PHE A 188 12.68 12.31 -20.98
CA PHE A 188 11.29 12.68 -20.72
C PHE A 188 11.12 14.06 -20.08
N SER A 189 12.15 14.55 -19.40
CA SER A 189 12.03 15.73 -18.55
C SER A 189 11.63 17.01 -19.30
N ASN A 190 10.78 17.81 -18.66
CA ASN A 190 10.45 19.13 -19.17
C ASN A 190 11.66 20.03 -19.00
N TRP A 191 11.59 21.18 -19.67
CA TRP A 191 12.74 22.09 -19.77
C TRP A 191 12.29 23.53 -19.96
N GLY A 192 13.25 24.45 -20.02
CA GLY A 192 12.99 25.83 -20.39
C GLY A 192 13.23 26.83 -19.28
N SER A 193 12.71 28.04 -19.49
CA SER A 193 13.00 29.16 -18.60
C SER A 193 12.30 29.06 -17.24
N CYS A 194 11.31 28.18 -17.11
CA CYS A 194 10.59 28.02 -15.84
C CYS A 194 11.28 27.03 -14.92
N VAL A 195 12.18 26.21 -15.46
CA VAL A 195 12.91 25.27 -14.65
C VAL A 195 14.10 25.96 -13.98
N ASP A 196 14.14 25.88 -12.65
CA ASP A 196 15.21 26.49 -11.86
C ASP A 196 16.46 25.63 -11.79
N LEU A 197 16.29 24.32 -11.65
CA LEU A 197 17.46 23.42 -11.59
C LEU A 197 17.12 21.96 -11.89
N PHE A 198 18.17 21.17 -12.05
CA PHE A 198 18.07 19.74 -12.30
C PHE A 198 18.43 18.96 -11.04
N ALA A 199 17.92 17.74 -10.94
CA ALA A 199 18.28 16.82 -9.87
C ALA A 199 18.02 15.39 -10.35
N PRO A 200 18.66 14.40 -9.73
CA PRO A 200 18.45 12.99 -10.09
C PRO A 200 16.99 12.59 -10.06
N GLY A 201 16.45 12.19 -11.21
CA GLY A 201 15.09 11.69 -11.31
C GLY A 201 14.90 10.41 -12.12
N SER A 202 15.95 9.94 -12.79
CA SER A 202 15.87 8.73 -13.59
C SER A 202 16.38 7.55 -12.77
N GLN A 203 15.60 6.47 -12.74
CA GLN A 203 15.92 5.24 -12.02
C GLN A 203 16.27 5.46 -10.54
N ILE A 204 15.32 6.00 -9.79
CA ILE A 204 15.50 6.29 -8.37
C ILE A 204 14.81 5.25 -7.49
N LYS A 205 15.59 4.56 -6.65
CA LYS A 205 15.08 3.58 -5.71
C LYS A 205 14.60 4.28 -4.45
N SER A 206 13.36 4.03 -4.05
CA SER A 206 12.80 4.60 -2.83
C SER A 206 11.71 3.70 -2.26
N ALA A 207 11.11 4.14 -1.17
CA ALA A 207 10.05 3.37 -0.50
C ALA A 207 8.81 3.23 -1.39
N TRP A 208 8.04 2.18 -1.16
CA TRP A 208 6.81 1.94 -1.91
C TRP A 208 5.64 1.77 -0.92
N TYR A 209 4.40 1.89 -1.41
CA TYR A 209 3.24 1.91 -0.51
C TYR A 209 3.04 0.61 0.27
N ASP A 210 3.56 -0.49 -0.26
CA ASP A 210 3.38 -1.81 0.34
C ASP A 210 4.39 -2.19 1.43
N GLY A 211 5.26 -1.25 1.81
CA GLY A 211 6.29 -1.49 2.80
C GLY A 211 7.63 -1.94 2.23
N GLY A 212 7.63 -2.33 0.95
CA GLY A 212 8.84 -2.72 0.25
C GLY A 212 9.41 -1.54 -0.52
N TYR A 213 9.97 -1.80 -1.69
CA TYR A 213 10.66 -0.77 -2.47
C TYR A 213 10.36 -0.87 -3.97
N LYS A 214 10.75 0.18 -4.69
CA LYS A 214 10.52 0.29 -6.12
C LYS A 214 11.47 1.32 -6.72
N THR A 215 11.88 1.12 -7.97
CA THR A 215 12.71 2.11 -8.65
C THR A 215 11.97 2.64 -9.89
N ILE A 216 11.67 3.94 -9.88
CA ILE A 216 10.94 4.58 -10.98
C ILE A 216 11.62 5.87 -11.42
N SER A 217 11.17 6.42 -12.55
CA SER A 217 11.72 7.63 -13.14
C SER A 217 10.65 8.69 -13.37
N GLY A 218 11.08 9.95 -13.29
CA GLY A 218 10.20 11.09 -13.41
C GLY A 218 10.78 12.32 -12.74
N THR A 219 10.29 13.50 -13.11
CA THR A 219 10.63 14.74 -12.41
C THR A 219 10.09 14.71 -10.98
N SER A 220 9.15 13.79 -10.73
CA SER A 220 8.62 13.53 -9.40
C SER A 220 9.63 12.92 -8.46
N MET A 221 10.59 12.19 -9.03
CA MET A 221 11.69 11.62 -8.25
C MET A 221 12.82 12.64 -8.07
N ALA A 222 12.92 13.57 -9.02
CA ALA A 222 13.91 14.64 -8.96
C ALA A 222 13.59 15.68 -7.89
N THR A 223 12.31 16.02 -7.78
CA THR A 223 11.84 17.08 -6.91
C THR A 223 12.13 16.84 -5.42
N PRO A 224 11.84 15.65 -4.90
CA PRO A 224 12.14 15.34 -3.49
C PRO A 224 13.61 15.34 -3.15
N HIS A 225 14.48 15.13 -4.14
CA HIS A 225 15.91 15.28 -3.94
C HIS A 225 16.21 16.70 -3.47
N VAL A 226 15.66 17.70 -4.18
CA VAL A 226 15.90 19.10 -3.85
C VAL A 226 15.10 19.57 -2.61
N ALA A 227 13.91 19.02 -2.39
CA ALA A 227 13.17 19.25 -1.16
C ALA A 227 13.99 18.75 0.03
N GLY A 228 14.67 17.63 -0.17
CA GLY A 228 15.52 17.04 0.85
C GLY A 228 16.67 17.95 1.20
N VAL A 229 17.30 18.58 0.21
CA VAL A 229 18.41 19.48 0.51
C VAL A 229 17.88 20.83 1.01
N ALA A 230 16.65 21.18 0.67
CA ALA A 230 15.99 22.32 1.30
C ALA A 230 15.95 22.08 2.81
N ALA A 231 15.64 20.86 3.23
CA ALA A 231 15.59 20.51 4.65
C ALA A 231 16.96 20.50 5.31
N LEU A 232 17.98 20.13 4.53
CA LEU A 232 19.38 20.23 4.97
C LEU A 232 19.74 21.69 5.19
N TYR A 233 19.31 22.53 4.26
CA TYR A 233 19.61 23.95 4.29
C TYR A 233 18.85 24.63 5.42
N LEU A 234 17.66 24.10 5.72
CA LEU A 234 16.75 24.68 6.71
C LEU A 234 17.22 24.35 8.13
N GLN A 235 17.81 23.18 8.33
CA GLN A 235 18.43 22.83 9.63
C GLN A 235 19.64 23.72 9.88
N GLU A 236 20.40 23.98 8.83
CA GLU A 236 21.59 24.83 8.91
C GLU A 236 21.20 26.26 9.25
N ASN A 237 20.06 26.70 8.71
CA ASN A 237 19.53 28.05 8.90
C ASN A 237 17.99 27.98 8.92
N ASN A 238 17.43 27.97 10.12
CA ASN A 238 15.97 27.81 10.32
C ASN A 238 15.14 28.94 9.72
N GLY A 239 15.71 30.14 9.64
CA GLY A 239 14.97 31.30 9.22
C GLY A 239 15.04 31.65 7.74
N LEU A 240 15.54 30.73 6.91
CA LEU A 240 15.56 30.94 5.47
C LEU A 240 14.14 31.22 4.97
N THR A 241 13.94 32.33 4.29
CA THR A 241 12.69 32.61 3.60
C THR A 241 12.75 31.84 2.30
N PRO A 242 11.61 31.63 1.66
CA PRO A 242 11.57 31.10 0.30
C PRO A 242 12.57 31.74 -0.65
N LEU A 243 12.66 33.07 -0.66
CA LEU A 243 13.62 33.79 -1.52
C LEU A 243 15.07 33.40 -1.23
N GLN A 244 15.41 33.35 0.06
CA GLN A 244 16.78 33.03 0.48
C GLN A 244 17.13 31.59 0.19
N LEU A 245 16.15 30.69 0.31
CA LEU A 245 16.36 29.27 0.06
C LEU A 245 16.56 29.04 -1.44
N THR A 246 15.71 29.65 -2.26
CA THR A 246 15.81 29.59 -3.72
C THR A 246 17.16 30.08 -4.18
N GLY A 247 17.63 31.16 -3.56
CA GLY A 247 18.93 31.72 -3.85
C GLY A 247 20.04 30.77 -3.50
N LEU A 248 19.92 30.13 -2.34
CA LEU A 248 20.98 29.26 -1.82
C LEU A 248 21.08 27.96 -2.62
N LEU A 249 19.93 27.44 -3.06
CA LEU A 249 19.89 26.30 -3.96
C LEU A 249 20.54 26.62 -5.32
N ASN A 250 20.41 27.88 -5.75
CA ASN A 250 20.93 28.34 -7.03
C ASN A 250 22.45 28.55 -7.02
N SER A 251 22.95 29.17 -5.94
CA SER A 251 24.34 29.55 -5.83
C SER A 251 25.25 28.42 -5.34
N ARG A 252 24.66 27.44 -4.66
CA ARG A 252 25.42 26.26 -4.24
C ARG A 252 25.42 25.18 -5.31
N ALA A 253 24.52 25.28 -6.31
CA ALA A 253 24.37 24.25 -7.34
C ALA A 253 25.62 24.09 -8.21
N SER A 254 25.87 22.86 -8.66
CA SER A 254 26.92 22.58 -9.64
C SER A 254 26.53 23.13 -11.01
N GLU A 255 27.47 23.80 -11.67
CA GLU A 255 27.19 24.53 -12.89
C GLU A 255 27.78 23.84 -14.12
N ASN A 256 27.04 23.91 -15.23
CA ASN A 256 27.50 23.44 -16.54
C ASN A 256 27.92 21.98 -16.52
N LYS A 257 27.14 21.16 -15.81
CA LYS A 257 27.41 19.74 -15.66
C LYS A 257 26.50 18.88 -16.53
N VAL A 258 25.33 19.43 -16.87
CA VAL A 258 24.24 18.69 -17.51
C VAL A 258 24.28 18.88 -19.03
N SER A 259 24.02 17.79 -19.76
CA SER A 259 23.95 17.80 -21.21
C SER A 259 22.51 17.70 -21.69
N ASP A 260 22.25 18.21 -22.90
CA ASP A 260 20.91 18.25 -23.50
C ASP A 260 19.92 19.05 -22.64
N THR A 261 20.37 20.21 -22.20
CA THR A 261 19.58 21.06 -21.29
C THR A 261 18.45 21.80 -22.00
N ARG A 262 18.58 22.00 -23.31
CA ARG A 262 17.49 22.53 -24.14
C ARG A 262 17.03 23.94 -23.66
N GLY A 263 17.99 24.82 -23.39
CA GLY A 263 17.66 26.16 -22.94
C GLY A 263 17.28 26.27 -21.46
N THR A 264 17.57 25.22 -20.69
CA THR A 264 17.44 25.24 -19.24
C THR A 264 18.72 25.78 -18.62
N THR A 265 18.59 26.51 -17.51
CA THR A 265 19.76 26.93 -16.75
C THR A 265 20.49 25.68 -16.30
N ASN A 266 21.81 25.69 -16.49
CA ASN A 266 22.61 24.51 -16.27
C ASN A 266 23.11 24.45 -14.82
N LYS A 267 22.21 24.02 -13.94
CA LYS A 267 22.47 23.92 -12.52
C LYS A 267 22.01 22.55 -12.04
N LEU A 268 22.86 21.90 -11.25
CA LEU A 268 22.57 20.57 -10.73
C LEU A 268 22.53 20.63 -9.21
N LEU A 269 21.55 19.99 -8.61
CA LEU A 269 21.39 19.95 -7.15
C LEU A 269 22.71 19.60 -6.47
N TYR A 270 23.11 20.41 -5.50
CA TYR A 270 24.27 20.15 -4.67
C TYR A 270 23.86 20.35 -3.21
N SER A 271 24.23 19.39 -2.36
CA SER A 271 23.64 19.26 -1.04
C SER A 271 24.49 19.83 0.09
N LEU A 272 25.73 20.22 -0.20
CA LEU A 272 26.68 20.65 0.82
C LEU A 272 26.88 22.15 0.74
N ALA A 273 27.41 22.73 1.82
CA ALA A 273 27.72 24.15 1.88
C ALA A 273 29.08 24.37 1.27
N ASP A 274 29.05 24.55 -0.05
CA ASP A 274 30.15 25.10 -0.84
C ASP A 274 29.48 26.00 -1.87
N SER A 275 30.22 26.96 -2.42
CA SER A 275 29.66 27.90 -3.39
C SER A 275 30.40 27.82 -4.74
N GLY A 276 29.65 28.01 -5.83
CA GLY A 276 30.24 28.12 -7.16
C GLY A 276 30.62 26.75 -7.70
N CYS A 277 31.93 26.53 -7.86
CA CYS A 277 32.48 25.23 -8.23
C CYS A 277 33.43 24.66 -7.17
N GLU A 278 33.50 25.34 -6.02
CA GLU A 278 34.63 25.26 -5.10
C GLU A 278 35.30 23.86 -4.93
N PRO A 279 34.63 22.90 -4.29
CA PRO A 279 35.29 21.66 -3.85
C PRO A 279 36.08 20.94 -4.96
N ASP A 280 35.64 21.09 -6.21
CA ASP A 280 36.29 20.48 -7.36
C ASP A 280 36.08 21.36 -8.62
N CYS A 281 36.90 22.40 -8.77
CA CYS A 281 36.80 23.33 -9.90
C CYS A 281 37.49 22.78 -11.15
N SER B 2 3.64 -19.90 24.54
CA SER B 2 3.38 -19.23 23.24
C SER B 2 2.50 -17.99 23.46
N ASN B 3 2.30 -17.22 22.38
CA ASN B 3 1.62 -15.93 22.45
C ASN B 3 0.64 -15.77 21.28
N ALA B 4 -0.19 -16.79 21.06
CA ALA B 4 -1.10 -16.80 19.93
C ALA B 4 -2.23 -15.79 20.08
N ILE B 5 -2.58 -15.11 18.98
CA ILE B 5 -3.79 -14.28 18.93
C ILE B 5 -5.03 -15.17 19.03
N TRP B 6 -6.14 -14.59 19.46
CA TRP B 6 -7.27 -15.38 19.98
C TRP B 6 -7.90 -16.36 18.99
N GLY B 7 -7.97 -15.98 17.72
CA GLY B 7 -8.67 -16.75 16.71
C GLY B 7 -7.99 -18.07 16.40
N LEU B 8 -6.67 -18.02 16.23
CA LEU B 8 -5.87 -19.23 16.05
C LEU B 8 -5.95 -20.05 17.32
N ASP B 9 -5.85 -19.36 18.45
CA ASP B 9 -5.89 -19.98 19.77
C ASP B 9 -7.16 -20.80 19.95
N ARG B 10 -8.26 -20.32 19.39
CA ARG B 10 -9.57 -20.91 19.61
C ARG B 10 -9.81 -22.19 18.80
N ILE B 11 -9.31 -22.23 17.58
CA ILE B 11 -9.65 -23.33 16.65
C ILE B 11 -8.88 -24.64 16.88
N ASP B 12 -7.89 -24.64 17.78
CA ASP B 12 -7.15 -25.87 18.12
C ASP B 12 -7.63 -26.55 19.40
N GLN B 13 -8.74 -26.07 19.96
CA GLN B 13 -9.31 -26.63 21.18
C GLN B 13 -10.85 -26.65 21.15
N ARG B 14 -11.42 -27.44 22.05
CA ARG B 14 -12.88 -27.61 22.11
C ARG B 14 -13.54 -26.51 22.93
N ASN B 15 -13.01 -26.24 24.11
CA ASN B 15 -13.64 -25.34 25.06
C ASN B 15 -12.78 -24.16 25.47
N LEU B 16 -13.46 -23.09 25.88
CA LEU B 16 -12.84 -22.04 26.68
C LEU B 16 -12.50 -22.65 28.04
N PRO B 17 -11.48 -22.13 28.74
CA PRO B 17 -10.77 -20.91 28.36
C PRO B 17 -9.66 -21.12 27.35
N LEU B 18 -9.27 -20.02 26.70
CA LEU B 18 -8.14 -19.97 25.79
C LEU B 18 -6.85 -20.27 26.55
N ASP B 19 -5.87 -20.86 25.88
CA ASP B 19 -4.60 -21.22 26.51
C ASP B 19 -3.37 -20.53 25.90
N ARG B 20 -3.60 -19.51 25.07
CA ARG B 20 -2.54 -18.74 24.41
C ARG B 20 -1.63 -19.57 23.48
N ASN B 21 -2.12 -20.72 23.03
CA ASN B 21 -1.38 -21.62 22.14
C ASN B 21 -2.15 -21.92 20.87
N TYR B 22 -1.44 -21.90 19.74
CA TYR B 22 -1.96 -22.46 18.51
C TYR B 22 -1.11 -23.67 18.13
N ASN B 23 -1.68 -24.87 18.30
CA ASN B 23 -1.02 -26.13 17.98
C ASN B 23 -1.38 -26.56 16.56
N ALA B 24 -0.40 -27.12 15.86
CA ALA B 24 -0.60 -27.57 14.49
C ALA B 24 0.24 -28.79 14.16
N ASN B 25 -0.39 -29.77 13.53
CA ASN B 25 0.30 -30.96 13.01
C ASN B 25 0.62 -30.83 11.54
N PHE B 26 0.03 -29.81 10.90
CA PHE B 26 0.23 -29.52 9.48
C PHE B 26 0.39 -28.00 9.29
N ASP B 27 0.91 -27.61 8.14
CA ASP B 27 1.04 -26.19 7.79
C ASP B 27 0.53 -25.83 6.39
N GLY B 28 -0.19 -26.76 5.76
CA GLY B 28 -0.65 -26.59 4.39
C GLY B 28 0.43 -26.50 3.32
N PHE B 29 1.58 -27.12 3.55
CA PHE B 29 2.61 -27.23 2.53
C PHE B 29 2.07 -28.09 1.38
N GLY B 30 2.23 -27.59 0.16
CA GLY B 30 1.83 -28.32 -1.03
C GLY B 30 0.43 -27.97 -1.50
N VAL B 31 -0.23 -27.06 -0.80
CA VAL B 31 -1.55 -26.60 -1.23
C VAL B 31 -1.50 -25.09 -1.52
N THR B 32 -2.49 -24.62 -2.26
CA THR B 32 -2.56 -23.26 -2.71
C THR B 32 -3.93 -22.69 -2.38
N ALA B 33 -3.95 -21.58 -1.65
CA ALA B 33 -5.18 -20.85 -1.37
C ALA B 33 -5.31 -19.69 -2.35
N TYR B 34 -6.37 -19.72 -3.16
CA TYR B 34 -6.71 -18.61 -4.04
C TYR B 34 -7.60 -17.61 -3.30
N VAL B 35 -7.05 -16.42 -3.07
CA VAL B 35 -7.76 -15.37 -2.33
C VAL B 35 -8.44 -14.42 -3.31
N ILE B 36 -9.76 -14.56 -3.43
CA ILE B 36 -10.57 -13.73 -4.33
C ILE B 36 -11.11 -12.53 -3.55
N ASP B 37 -10.40 -11.40 -3.67
CA ASP B 37 -10.63 -10.24 -2.80
C ASP B 37 -10.06 -8.96 -3.45
N THR B 38 -9.56 -8.01 -2.65
CA THR B 38 -9.02 -6.75 -3.16
C THR B 38 -7.58 -6.89 -3.63
N GLY B 39 -7.11 -8.13 -3.76
CA GLY B 39 -5.70 -8.40 -4.05
C GLY B 39 -4.97 -8.79 -2.79
N VAL B 40 -3.66 -9.01 -2.92
CA VAL B 40 -2.80 -9.27 -1.75
C VAL B 40 -1.39 -8.73 -1.97
N ASN B 41 -0.83 -8.19 -0.90
CA ASN B 41 0.52 -7.68 -0.87
C ASN B 41 1.49 -8.85 -0.85
N ASN B 42 2.02 -9.18 -2.03
CA ASN B 42 2.95 -10.29 -2.19
C ASN B 42 4.23 -10.11 -1.35
N ASN B 43 4.66 -8.86 -1.22
CA ASN B 43 5.90 -8.55 -0.50
C ASN B 43 5.75 -8.52 1.02
N HIS B 44 4.53 -8.67 1.54
CA HIS B 44 4.35 -8.62 2.98
C HIS B 44 5.22 -9.68 3.65
N GLU B 45 5.78 -9.32 4.81
CA GLU B 45 6.73 -10.18 5.53
C GLU B 45 6.07 -11.47 6.08
N GLU B 46 4.75 -11.44 6.27
CA GLU B 46 4.00 -12.58 6.77
C GLU B 46 4.01 -13.79 5.81
N PHE B 47 4.29 -13.53 4.54
CA PHE B 47 4.22 -14.57 3.52
C PHE B 47 5.57 -15.20 3.19
N GLY B 48 6.67 -14.54 3.51
CA GLY B 48 8.00 -15.09 3.26
C GLY B 48 8.21 -15.64 1.88
N GLY B 49 7.70 -14.93 0.87
CA GLY B 49 7.85 -15.30 -0.53
C GLY B 49 6.84 -16.31 -1.06
N ARG B 50 5.79 -16.59 -0.29
CA ARG B 50 4.84 -17.65 -0.65
C ARG B 50 3.57 -17.13 -1.31
N SER B 51 3.42 -15.81 -1.37
CA SER B 51 2.33 -15.18 -2.10
C SER B 51 2.85 -14.68 -3.44
N VAL B 52 2.12 -15.02 -4.51
CA VAL B 52 2.39 -14.47 -5.84
C VAL B 52 1.09 -13.96 -6.46
N SER B 53 1.23 -13.15 -7.51
CA SER B 53 0.07 -12.63 -8.22
C SER B 53 -0.58 -13.74 -9.06
N GLY B 54 -1.87 -13.61 -9.31
CA GLY B 54 -2.60 -14.54 -10.15
C GLY B 54 -3.11 -13.79 -11.36
N TYR B 55 -4.18 -13.03 -11.17
CA TYR B 55 -4.64 -12.03 -12.14
C TYR B 55 -5.42 -10.91 -11.44
N ASP B 56 -5.54 -9.78 -12.13
CA ASP B 56 -6.26 -8.61 -11.65
C ASP B 56 -7.39 -8.28 -12.64
N PHE B 57 -8.62 -8.64 -12.27
CA PHE B 57 -9.78 -8.44 -13.15
C PHE B 57 -10.47 -7.08 -13.00
N VAL B 58 -9.98 -6.26 -12.07
CA VAL B 58 -10.45 -4.88 -11.93
C VAL B 58 -9.77 -3.98 -12.97
N ASP B 59 -8.44 -4.07 -13.06
CA ASP B 59 -7.64 -3.25 -13.97
C ASP B 59 -7.08 -4.01 -15.19
N ASN B 60 -7.42 -5.30 -15.29
CA ASN B 60 -6.95 -6.16 -16.38
C ASN B 60 -5.45 -6.16 -16.60
N ASP B 61 -4.71 -6.47 -15.53
CA ASP B 61 -3.26 -6.60 -15.59
C ASP B 61 -2.80 -7.85 -14.80
N ALA B 62 -1.49 -8.10 -14.79
CA ALA B 62 -0.93 -9.31 -14.17
C ALA B 62 -0.54 -9.12 -12.71
N ASP B 63 -0.73 -7.92 -12.19
CA ASP B 63 -0.31 -7.58 -10.83
C ASP B 63 -1.52 -7.44 -9.91
N SER B 64 -1.76 -8.47 -9.11
CA SER B 64 -2.88 -8.50 -8.19
C SER B 64 -2.52 -7.91 -6.82
N SER B 65 -1.70 -6.87 -6.81
CA SER B 65 -1.33 -6.18 -5.58
C SER B 65 -2.54 -5.55 -4.92
N ASP B 66 -2.50 -5.47 -3.59
CA ASP B 66 -3.60 -4.96 -2.78
C ASP B 66 -3.41 -3.47 -2.48
N CYS B 67 -4.44 -2.67 -2.73
CA CYS B 67 -4.43 -1.24 -2.37
C CYS B 67 -5.62 -0.86 -1.48
N ASN B 68 -6.25 -1.86 -0.86
CA ASN B 68 -7.34 -1.64 0.10
C ASN B 68 -6.97 -2.11 1.50
N GLY B 69 -6.42 -3.32 1.58
CA GLY B 69 -6.02 -3.95 2.83
C GLY B 69 -6.74 -5.26 3.11
N HIS B 70 -8.01 -5.37 2.70
CA HIS B 70 -8.85 -6.50 3.10
C HIS B 70 -8.28 -7.84 2.64
N GLY B 71 -7.97 -7.94 1.35
CA GLY B 71 -7.48 -9.17 0.76
C GLY B 71 -6.11 -9.62 1.28
N THR B 72 -5.29 -8.66 1.72
CA THR B 72 -4.04 -8.97 2.38
C THR B 72 -4.31 -9.55 3.76
N HIS B 73 -5.30 -8.97 4.43
CA HIS B 73 -5.71 -9.39 5.77
C HIS B 73 -6.24 -10.81 5.78
N VAL B 74 -7.11 -11.15 4.84
CA VAL B 74 -7.68 -12.49 4.79
C VAL B 74 -6.62 -13.49 4.32
N ALA B 75 -5.71 -13.04 3.46
CA ALA B 75 -4.60 -13.87 3.03
C ALA B 75 -3.62 -14.13 4.17
N GLY B 76 -3.52 -13.18 5.09
CA GLY B 76 -2.66 -13.31 6.25
C GLY B 76 -3.22 -14.27 7.27
N THR B 77 -4.55 -14.34 7.34
CA THR B 77 -5.23 -15.24 8.28
C THR B 77 -5.14 -16.68 7.78
N ILE B 78 -5.12 -16.88 6.46
CA ILE B 78 -4.97 -18.20 5.88
C ILE B 78 -3.55 -18.73 6.06
N GLY B 79 -2.56 -17.89 5.77
CA GLY B 79 -1.19 -18.38 5.64
C GLY B 79 -0.08 -17.52 6.21
N GLY B 80 -0.42 -16.55 7.05
CA GLY B 80 0.58 -15.71 7.69
C GLY B 80 1.41 -16.50 8.70
N SER B 81 2.70 -16.20 8.76
CA SER B 81 3.64 -16.92 9.61
C SER B 81 3.29 -16.78 11.10
N GLN B 82 3.07 -15.54 11.55
CA GLN B 82 2.68 -15.28 12.93
C GLN B 82 1.17 -15.44 13.15
N TYR B 83 0.36 -14.83 12.28
CA TYR B 83 -1.09 -14.70 12.50
C TYR B 83 -1.95 -15.56 11.57
N GLY B 84 -1.36 -16.62 11.01
CA GLY B 84 -2.05 -17.47 10.05
C GLY B 84 -2.23 -18.89 10.54
N VAL B 85 -3.17 -19.58 9.91
CA VAL B 85 -3.57 -20.93 10.29
C VAL B 85 -2.60 -21.95 9.71
N ALA B 86 -2.33 -21.81 8.41
CA ALA B 86 -1.50 -22.74 7.65
C ALA B 86 -0.22 -22.01 7.21
N LYS B 87 0.83 -22.14 8.02
CA LYS B 87 1.99 -21.25 7.97
C LYS B 87 3.01 -21.52 6.84
N ASN B 88 2.75 -22.54 6.02
CA ASN B 88 3.53 -22.76 4.79
C ASN B 88 2.67 -23.03 3.55
N VAL B 89 1.44 -22.54 3.56
CA VAL B 89 0.57 -22.58 2.39
C VAL B 89 1.10 -21.63 1.33
N ASN B 90 0.68 -21.89 0.09
CA ASN B 90 0.88 -20.96 -1.02
C ASN B 90 -0.35 -20.10 -1.19
N ILE B 91 -0.11 -18.81 -1.43
CA ILE B 91 -1.17 -17.84 -1.65
C ILE B 91 -1.08 -17.35 -3.11
N VAL B 92 -2.24 -17.26 -3.75
CA VAL B 92 -2.34 -16.69 -5.08
C VAL B 92 -3.43 -15.62 -5.04
N GLY B 93 -3.04 -14.38 -5.25
CA GLY B 93 -3.98 -13.27 -5.26
C GLY B 93 -4.77 -13.25 -6.55
N VAL B 94 -6.08 -13.15 -6.42
CA VAL B 94 -6.95 -12.90 -7.56
C VAL B 94 -7.79 -11.68 -7.25
N ARG B 95 -7.39 -10.54 -7.82
CA ARG B 95 -7.99 -9.23 -7.50
C ARG B 95 -9.28 -8.97 -8.28
N VAL B 96 -10.42 -8.97 -7.58
CA VAL B 96 -11.74 -8.71 -8.17
C VAL B 96 -12.46 -7.48 -7.60
N LEU B 97 -11.94 -6.91 -6.53
CA LEU B 97 -12.48 -5.71 -5.90
C LEU B 97 -11.45 -4.58 -5.95
N SER B 98 -11.92 -3.36 -6.12
CA SER B 98 -11.04 -2.20 -6.31
C SER B 98 -10.38 -1.76 -5.00
N CYS B 99 -9.70 -0.62 -5.01
CA CYS B 99 -9.05 -0.09 -3.80
C CYS B 99 -10.05 0.31 -2.72
N SER B 100 -11.27 0.69 -3.16
CA SER B 100 -12.33 1.07 -2.24
C SER B 100 -13.19 -0.12 -1.79
N GLY B 101 -12.93 -1.30 -2.36
CA GLY B 101 -13.69 -2.50 -2.03
C GLY B 101 -14.87 -2.78 -2.96
N SER B 102 -15.12 -1.88 -3.91
CA SER B 102 -16.22 -2.03 -4.88
C SER B 102 -15.80 -2.95 -6.01
N GLY B 103 -16.71 -3.84 -6.40
CA GLY B 103 -16.52 -4.68 -7.58
C GLY B 103 -17.83 -4.94 -8.28
N THR B 104 -17.74 -5.30 -9.55
CA THR B 104 -18.89 -5.74 -10.34
C THR B 104 -19.04 -7.25 -10.20
N THR B 105 -20.23 -7.75 -10.48
CA THR B 105 -20.48 -9.19 -10.45
C THR B 105 -19.72 -9.88 -11.60
N SER B 106 -19.55 -9.17 -12.71
CA SER B 106 -18.85 -9.68 -13.89
C SER B 106 -17.39 -9.95 -13.59
N GLY B 107 -16.76 -9.02 -12.87
CA GLY B 107 -15.35 -9.14 -12.52
C GLY B 107 -15.09 -10.17 -11.44
N VAL B 108 -16.06 -10.36 -10.55
CA VAL B 108 -15.94 -11.37 -9.49
C VAL B 108 -16.07 -12.75 -10.11
N ILE B 109 -16.99 -12.89 -11.06
CA ILE B 109 -17.18 -14.12 -11.82
C ILE B 109 -15.90 -14.48 -12.56
N SER B 110 -15.27 -13.49 -13.20
CA SER B 110 -14.05 -13.72 -13.98
C SER B 110 -12.94 -14.29 -13.10
N GLY B 111 -12.89 -13.85 -11.84
CA GLY B 111 -11.94 -14.37 -10.87
C GLY B 111 -12.27 -15.78 -10.42
N VAL B 112 -13.55 -16.10 -10.30
CA VAL B 112 -13.99 -17.44 -9.91
C VAL B 112 -13.68 -18.43 -11.02
N ASP B 113 -14.02 -18.05 -12.25
CA ASP B 113 -13.69 -18.84 -13.45
C ASP B 113 -12.20 -19.04 -13.60
N TRP B 114 -11.42 -18.00 -13.28
CA TRP B 114 -9.96 -18.05 -13.42
C TRP B 114 -9.38 -19.07 -12.44
N VAL B 115 -9.93 -19.13 -11.23
CA VAL B 115 -9.45 -20.08 -10.23
C VAL B 115 -9.76 -21.51 -10.68
N ALA B 116 -10.96 -21.71 -11.24
CA ALA B 116 -11.36 -23.02 -11.75
C ALA B 116 -10.42 -23.50 -12.86
N GLN B 117 -9.98 -22.56 -13.70
CA GLN B 117 -9.17 -22.89 -14.89
C GLN B 117 -7.66 -23.03 -14.57
N ASN B 118 -7.20 -22.46 -13.46
CA ASN B 118 -5.77 -22.37 -13.17
C ASN B 118 -5.29 -23.16 -11.97
N ALA B 119 -6.20 -23.62 -11.14
CA ALA B 119 -5.81 -24.48 -10.02
C ALA B 119 -5.10 -25.71 -10.56
N SER B 120 -4.00 -26.08 -9.94
CA SER B 120 -3.19 -27.21 -10.42
C SER B 120 -3.27 -28.36 -9.42
N GLY B 121 -2.59 -28.21 -8.28
CA GLY B 121 -2.57 -29.22 -7.24
C GLY B 121 -3.69 -29.03 -6.22
N PRO B 122 -3.46 -29.51 -5.00
CA PRO B 122 -4.43 -29.34 -3.92
C PRO B 122 -4.75 -27.86 -3.74
N SER B 123 -6.01 -27.47 -3.88
CA SER B 123 -6.39 -26.06 -3.94
C SER B 123 -7.65 -25.73 -3.14
N VAL B 124 -7.75 -24.47 -2.71
CA VAL B 124 -8.91 -23.98 -1.98
C VAL B 124 -9.10 -22.49 -2.28
N ALA B 125 -10.32 -22.11 -2.65
CA ALA B 125 -10.65 -20.70 -2.87
C ALA B 125 -11.30 -20.09 -1.63
N ASN B 126 -11.13 -18.77 -1.48
CA ASN B 126 -11.66 -18.00 -0.36
C ASN B 126 -12.31 -16.74 -0.91
N MET B 127 -13.60 -16.58 -0.65
CA MET B 127 -14.36 -15.42 -1.13
C MET B 127 -14.93 -14.68 0.08
N SER B 128 -14.11 -13.80 0.66
CA SER B 128 -14.55 -12.93 1.75
C SER B 128 -15.26 -11.70 1.19
N LEU B 129 -16.36 -11.95 0.47
CA LEU B 129 -17.17 -10.89 -0.12
C LEU B 129 -18.60 -11.35 -0.33
N GLY B 130 -19.49 -10.38 -0.44
CA GLY B 130 -20.90 -10.67 -0.59
C GLY B 130 -21.69 -9.45 -1.02
N GLY B 131 -22.96 -9.70 -1.31
CA GLY B 131 -23.85 -8.65 -1.75
C GLY B 131 -25.19 -9.24 -2.10
N GLY B 132 -25.90 -8.58 -3.00
CA GLY B 132 -27.24 -9.00 -3.38
C GLY B 132 -27.25 -10.29 -4.17
N GLN B 133 -28.45 -10.81 -4.35
CA GLN B 133 -28.65 -12.05 -5.06
C GLN B 133 -28.11 -11.97 -6.51
N SER B 134 -27.58 -13.08 -7.00
CA SER B 134 -27.00 -13.15 -8.33
C SER B 134 -26.88 -14.62 -8.76
N THR B 135 -27.83 -15.10 -9.56
CA THR B 135 -27.77 -16.47 -10.04
C THR B 135 -26.55 -16.68 -10.93
N ALA B 136 -26.13 -15.66 -11.66
CA ALA B 136 -24.95 -15.74 -12.50
C ALA B 136 -23.67 -15.95 -11.68
N LEU B 137 -23.58 -15.26 -10.54
CA LEU B 137 -22.45 -15.44 -9.64
C LEU B 137 -22.53 -16.80 -8.95
N ASP B 138 -23.70 -17.12 -8.41
CA ASP B 138 -23.96 -18.43 -7.81
C ASP B 138 -23.51 -19.54 -8.75
N SER B 139 -23.89 -19.41 -10.02
CA SER B 139 -23.67 -20.44 -11.02
C SER B 139 -22.19 -20.64 -11.35
N ALA B 140 -21.42 -19.56 -11.30
CA ALA B 140 -19.97 -19.63 -11.49
C ALA B 140 -19.25 -20.33 -10.33
N VAL B 141 -19.72 -20.08 -9.11
CA VAL B 141 -19.15 -20.68 -7.92
C VAL B 141 -19.53 -22.15 -7.82
N GLN B 142 -20.78 -22.45 -8.17
CA GLN B 142 -21.27 -23.81 -8.25
C GLN B 142 -20.43 -24.61 -9.26
N GLY B 143 -20.01 -23.94 -10.33
CA GLY B 143 -19.24 -24.57 -11.38
C GLY B 143 -17.79 -24.81 -11.00
N ALA B 144 -17.22 -23.92 -10.20
CA ALA B 144 -15.82 -24.05 -9.79
C ALA B 144 -15.67 -25.16 -8.76
N ILE B 145 -16.66 -25.30 -7.88
CA ILE B 145 -16.71 -26.38 -6.90
C ILE B 145 -16.88 -27.71 -7.63
N GLN B 146 -17.68 -27.71 -8.69
CA GLN B 146 -17.90 -28.90 -9.48
C GLN B 146 -16.59 -29.36 -10.15
N SER B 147 -15.72 -28.41 -10.48
CA SER B 147 -14.44 -28.71 -11.11
C SER B 147 -13.41 -29.29 -10.13
N GLY B 148 -13.71 -29.20 -8.82
CA GLY B 148 -12.91 -29.85 -7.78
C GLY B 148 -12.18 -28.93 -6.81
N VAL B 149 -12.61 -27.67 -6.72
CA VAL B 149 -12.00 -26.70 -5.81
C VAL B 149 -13.03 -26.27 -4.77
N SER B 150 -12.70 -26.44 -3.49
CA SER B 150 -13.58 -26.03 -2.40
C SER B 150 -13.56 -24.51 -2.25
N PHE B 151 -14.75 -23.92 -2.13
CA PHE B 151 -14.90 -22.48 -1.95
C PHE B 151 -15.43 -22.14 -0.56
N MET B 152 -14.61 -21.44 0.22
CA MET B 152 -15.05 -20.85 1.49
C MET B 152 -15.68 -19.49 1.17
N LEU B 153 -16.84 -19.22 1.77
CA LEU B 153 -17.64 -18.03 1.45
C LEU B 153 -18.10 -17.34 2.73
N ALA B 154 -17.92 -16.02 2.81
CA ALA B 154 -18.38 -15.26 3.97
C ALA B 154 -19.90 -15.18 4.00
N ALA B 155 -20.47 -15.27 5.20
CA ALA B 155 -21.94 -15.29 5.35
C ALA B 155 -22.59 -13.93 5.12
N GLY B 156 -21.88 -12.85 5.47
CA GLY B 156 -22.41 -11.49 5.41
C GLY B 156 -22.41 -10.85 6.80
N ASN B 157 -22.56 -9.54 6.86
CA ASN B 157 -22.47 -8.79 8.13
C ASN B 157 -23.67 -7.89 8.44
N SER B 158 -24.88 -8.34 8.09
CA SER B 158 -26.10 -7.53 8.26
C SER B 158 -27.09 -8.09 9.32
N ASN B 159 -26.63 -9.03 10.15
CA ASN B 159 -27.48 -9.66 11.17
C ASN B 159 -28.74 -10.23 10.53
N ALA B 160 -28.57 -10.84 9.36
CA ALA B 160 -29.66 -11.30 8.52
C ALA B 160 -29.46 -12.74 8.04
N ASP B 161 -30.46 -13.25 7.32
CA ASP B 161 -30.41 -14.58 6.74
C ASP B 161 -29.40 -14.58 5.59
N ALA B 162 -28.41 -15.47 5.68
CA ALA B 162 -27.38 -15.60 4.66
C ALA B 162 -27.89 -16.18 3.34
N CYS B 163 -29.12 -16.69 3.34
CA CYS B 163 -29.72 -17.29 2.15
C CYS B 163 -30.15 -16.26 1.10
N ASN B 164 -30.21 -14.99 1.50
CA ASN B 164 -30.53 -13.90 0.58
C ASN B 164 -29.28 -13.19 0.01
N THR B 165 -28.10 -13.77 0.25
CA THR B 165 -26.82 -13.20 -0.17
C THR B 165 -26.09 -14.14 -1.16
N SER B 166 -25.46 -13.57 -2.19
CA SER B 166 -24.56 -14.31 -3.08
C SER B 166 -23.12 -13.82 -2.86
N PRO B 167 -22.13 -14.72 -2.90
CA PRO B 167 -22.31 -16.16 -3.16
C PRO B 167 -22.65 -17.02 -1.93
N ALA B 168 -22.83 -16.41 -0.77
CA ALA B 168 -23.05 -17.15 0.48
C ALA B 168 -24.08 -18.28 0.38
N ARG B 169 -25.14 -18.07 -0.40
CA ARG B 169 -26.29 -18.97 -0.41
C ARG B 169 -26.08 -20.24 -1.26
N VAL B 170 -24.91 -20.34 -1.91
CA VAL B 170 -24.59 -21.50 -2.73
C VAL B 170 -24.41 -22.70 -1.82
N PRO B 171 -25.29 -23.69 -1.90
CA PRO B 171 -25.23 -24.85 -0.99
C PRO B 171 -23.88 -25.57 -0.96
N SER B 172 -23.29 -25.85 -2.12
CA SER B 172 -22.04 -26.64 -2.18
C SER B 172 -20.84 -25.90 -1.62
N GLY B 173 -20.94 -24.59 -1.45
CA GLY B 173 -19.93 -23.82 -0.75
C GLY B 173 -19.94 -24.06 0.75
N VAL B 174 -18.86 -23.61 1.41
CA VAL B 174 -18.76 -23.60 2.86
C VAL B 174 -18.95 -22.16 3.34
N THR B 175 -20.15 -21.85 3.83
CA THR B 175 -20.50 -20.50 4.24
C THR B 175 -20.23 -20.30 5.73
N VAL B 176 -19.46 -19.26 6.07
CA VAL B 176 -18.87 -19.11 7.39
C VAL B 176 -19.42 -17.89 8.11
N GLY B 177 -19.97 -18.11 9.30
CA GLY B 177 -20.36 -17.03 10.19
C GLY B 177 -19.24 -16.68 11.15
N SER B 178 -19.43 -15.62 11.92
CA SER B 178 -18.36 -15.07 12.75
C SER B 178 -18.70 -15.18 14.24
N THR B 179 -17.67 -15.39 15.06
CA THR B 179 -17.78 -15.40 16.52
C THR B 179 -16.72 -14.54 17.17
N THR B 180 -16.93 -14.25 18.45
CA THR B 180 -15.97 -13.54 19.30
C THR B 180 -15.26 -14.54 20.19
N SER B 181 -14.36 -14.07 21.03
CA SER B 181 -13.57 -14.94 21.91
C SER B 181 -14.34 -15.41 23.14
N SER B 182 -15.54 -14.88 23.33
CA SER B 182 -16.47 -15.34 24.37
C SER B 182 -17.43 -16.41 23.84
N ASP B 183 -17.16 -16.90 22.63
CA ASP B 183 -17.97 -17.89 21.94
C ASP B 183 -19.38 -17.43 21.59
N SER B 184 -19.64 -16.13 21.64
CA SER B 184 -20.90 -15.63 21.10
C SER B 184 -20.75 -15.49 19.60
N ARG B 185 -21.87 -15.63 18.91
CA ARG B 185 -21.98 -15.18 17.53
C ARG B 185 -21.66 -13.69 17.58
N SER B 186 -20.82 -13.23 16.66
CA SER B 186 -20.57 -11.80 16.49
C SER B 186 -21.91 -11.14 16.15
N SER B 187 -22.17 -9.98 16.77
CA SER B 187 -23.49 -9.35 16.70
C SER B 187 -23.88 -8.91 15.29
N PHE B 188 -22.88 -8.73 14.43
CA PHE B 188 -23.07 -8.36 13.02
C PHE B 188 -23.29 -9.56 12.10
N SER B 189 -22.84 -10.75 12.51
CA SER B 189 -22.77 -11.91 11.61
C SER B 189 -24.11 -12.39 11.09
N ASN B 190 -24.13 -12.78 9.82
CA ASN B 190 -25.30 -13.41 9.23
C ASN B 190 -25.45 -14.83 9.81
N TRP B 191 -26.62 -15.42 9.60
CA TRP B 191 -27.03 -16.66 10.24
C TRP B 191 -28.01 -17.45 9.38
N GLY B 192 -28.42 -18.62 9.88
CA GLY B 192 -29.50 -19.37 9.28
C GLY B 192 -29.04 -20.67 8.65
N SER B 193 -29.93 -21.23 7.85
CA SER B 193 -29.76 -22.57 7.29
C SER B 193 -28.71 -22.67 6.19
N CYS B 194 -28.29 -21.53 5.64
CA CYS B 194 -27.24 -21.50 4.62
C CYS B 194 -25.84 -21.48 5.20
N VAL B 195 -25.71 -21.11 6.47
CA VAL B 195 -24.41 -21.10 7.14
C VAL B 195 -24.03 -22.51 7.60
N ASP B 196 -22.88 -22.98 7.14
CA ASP B 196 -22.37 -24.30 7.50
C ASP B 196 -21.62 -24.35 8.83
N LEU B 197 -20.86 -23.31 9.16
CA LEU B 197 -20.17 -23.26 10.44
C LEU B 197 -19.66 -21.87 10.85
N PHE B 198 -19.25 -21.77 12.11
CA PHE B 198 -18.73 -20.54 12.68
C PHE B 198 -17.22 -20.61 12.82
N ALA B 199 -16.58 -19.45 12.79
CA ALA B 199 -15.14 -19.35 13.03
C ALA B 199 -14.82 -17.95 13.54
N PRO B 200 -13.68 -17.78 14.20
CA PRO B 200 -13.27 -16.46 14.70
C PRO B 200 -13.29 -15.40 13.60
N GLY B 201 -14.11 -14.37 13.78
CA GLY B 201 -14.14 -13.24 12.86
C GLY B 201 -14.21 -11.86 13.51
N SER B 202 -14.32 -11.80 14.84
CA SER B 202 -14.35 -10.53 15.56
C SER B 202 -12.98 -10.20 16.12
N GLN B 203 -12.53 -8.97 15.86
CA GLN B 203 -11.20 -8.45 16.22
C GLN B 203 -10.03 -9.40 15.93
N ILE B 204 -9.80 -9.60 14.63
CA ILE B 204 -8.75 -10.47 14.13
C ILE B 204 -7.57 -9.64 13.62
N LYS B 205 -6.39 -9.87 14.21
CA LYS B 205 -5.16 -9.22 13.77
C LYS B 205 -4.54 -9.99 12.62
N SER B 206 -4.25 -9.29 11.53
CA SER B 206 -3.61 -9.90 10.36
C SER B 206 -2.84 -8.85 9.56
N ALA B 207 -2.24 -9.29 8.46
CA ALA B 207 -1.46 -8.41 7.60
C ALA B 207 -2.32 -7.33 6.97
N TRP B 208 -1.69 -6.19 6.65
CA TRP B 208 -2.38 -5.07 6.00
C TRP B 208 -1.64 -4.71 4.70
N TYR B 209 -2.29 -3.96 3.80
CA TYR B 209 -1.71 -3.69 2.47
C TYR B 209 -0.41 -2.89 2.50
N ASP B 210 -0.18 -2.16 3.59
CA ASP B 210 0.99 -1.28 3.71
C ASP B 210 2.23 -1.95 4.31
N GLY B 211 2.18 -3.26 4.49
CA GLY B 211 3.32 -3.99 5.05
C GLY B 211 3.27 -4.13 6.56
N GLY B 212 2.40 -3.36 7.21
CA GLY B 212 2.19 -3.43 8.64
C GLY B 212 1.03 -4.36 8.98
N TYR B 213 0.27 -4.00 10.01
CA TYR B 213 -0.83 -4.85 10.48
C TYR B 213 -2.07 -4.05 10.86
N LYS B 214 -3.17 -4.76 11.07
CA LYS B 214 -4.45 -4.17 11.40
C LYS B 214 -5.34 -5.23 12.03
N THR B 215 -6.23 -4.82 12.92
CA THR B 215 -7.20 -5.75 13.53
C THR B 215 -8.64 -5.29 13.23
N ILE B 216 -9.36 -6.09 12.44
CA ILE B 216 -10.72 -5.76 12.01
C ILE B 216 -11.68 -6.92 12.28
N SER B 217 -12.97 -6.68 12.08
CA SER B 217 -14.01 -7.67 12.32
C SER B 217 -14.91 -7.85 11.09
N GLY B 218 -15.47 -9.05 10.96
CA GLY B 218 -16.31 -9.41 9.84
C GLY B 218 -16.31 -10.90 9.59
N THR B 219 -17.31 -11.39 8.88
CA THR B 219 -17.32 -12.76 8.40
C THR B 219 -16.17 -12.97 7.42
N SER B 220 -15.65 -11.89 6.87
CA SER B 220 -14.48 -11.92 6.00
C SER B 220 -13.21 -12.34 6.69
N MET B 221 -13.15 -12.10 8.00
CA MET B 221 -12.03 -12.56 8.83
C MET B 221 -12.25 -13.99 9.31
N ALA B 222 -13.52 -14.39 9.43
CA ALA B 222 -13.88 -15.74 9.82
C ALA B 222 -13.60 -16.76 8.73
N THR B 223 -13.87 -16.36 7.50
CA THR B 223 -13.78 -17.25 6.34
C THR B 223 -12.37 -17.81 6.10
N PRO B 224 -11.35 -16.96 6.09
CA PRO B 224 -9.96 -17.42 5.92
C PRO B 224 -9.46 -18.33 7.04
N HIS B 225 -10.03 -18.23 8.23
CA HIS B 225 -9.74 -19.19 9.28
C HIS B 225 -10.05 -20.60 8.79
N VAL B 226 -11.25 -20.80 8.22
CA VAL B 226 -11.66 -22.13 7.76
C VAL B 226 -11.01 -22.53 6.42
N ALA B 227 -10.70 -21.56 5.57
CA ALA B 227 -9.91 -21.82 4.37
C ALA B 227 -8.52 -22.33 4.76
N GLY B 228 -7.98 -21.79 5.84
CA GLY B 228 -6.70 -22.18 6.35
C GLY B 228 -6.69 -23.62 6.84
N VAL B 229 -7.76 -24.05 7.53
CA VAL B 229 -7.82 -25.43 8.00
C VAL B 229 -8.20 -26.35 6.84
N ALA B 230 -8.87 -25.83 5.82
CA ALA B 230 -9.06 -26.58 4.59
C ALA B 230 -7.69 -26.96 4.05
N ALA B 231 -6.75 -26.02 4.07
CA ALA B 231 -5.39 -26.28 3.60
C ALA B 231 -4.62 -27.25 4.50
N LEU B 232 -4.91 -27.21 5.80
CA LEU B 232 -4.38 -28.19 6.75
C LEU B 232 -4.89 -29.58 6.41
N TYR B 233 -6.19 -29.65 6.11
CA TYR B 233 -6.87 -30.90 5.79
C TYR B 233 -6.37 -31.42 4.43
N LEU B 234 -6.05 -30.49 3.53
CA LEU B 234 -5.67 -30.85 2.16
C LEU B 234 -4.24 -31.39 2.14
N GLN B 235 -3.36 -30.87 2.99
CA GLN B 235 -2.02 -31.43 3.12
C GLN B 235 -2.08 -32.85 3.67
N GLU B 236 -2.97 -33.05 4.63
CA GLU B 236 -3.16 -34.36 5.27
C GLU B 236 -3.69 -35.37 4.26
N ASN B 237 -4.55 -34.89 3.37
CA ASN B 237 -5.18 -35.70 2.32
C ASN B 237 -5.36 -34.84 1.06
N ASN B 238 -4.43 -34.97 0.11
CA ASN B 238 -4.41 -34.18 -1.12
C ASN B 238 -5.64 -34.36 -2.01
N GLY B 239 -6.27 -35.54 -1.96
CA GLY B 239 -7.35 -35.88 -2.87
C GLY B 239 -8.76 -35.61 -2.36
N LEU B 240 -8.88 -34.86 -1.28
CA LEU B 240 -10.20 -34.49 -0.76
C LEU B 240 -10.98 -33.75 -1.85
N THR B 241 -12.16 -34.25 -2.18
CA THR B 241 -13.09 -33.53 -3.04
C THR B 241 -13.78 -32.48 -2.18
N PRO B 242 -14.37 -31.47 -2.81
CA PRO B 242 -15.22 -30.51 -2.09
C PRO B 242 -16.21 -31.16 -1.14
N LEU B 243 -16.88 -32.22 -1.57
CA LEU B 243 -17.83 -32.94 -0.71
C LEU B 243 -17.17 -33.55 0.53
N GLN B 244 -16.01 -34.17 0.34
CA GLN B 244 -15.28 -34.82 1.42
C GLN B 244 -14.70 -33.79 2.39
N LEU B 245 -14.26 -32.65 1.87
CA LEU B 245 -13.72 -31.58 2.69
C LEU B 245 -14.82 -30.93 3.54
N THR B 246 -15.95 -30.63 2.92
CA THR B 246 -17.11 -30.07 3.62
C THR B 246 -17.57 -30.99 4.75
N GLY B 247 -17.55 -32.30 4.48
CA GLY B 247 -17.89 -33.30 5.47
C GLY B 247 -16.92 -33.32 6.63
N LEU B 248 -15.63 -33.20 6.31
CA LEU B 248 -14.57 -33.30 7.31
C LEU B 248 -14.54 -32.05 8.20
N LEU B 249 -14.80 -30.89 7.63
CA LEU B 249 -14.94 -29.66 8.40
C LEU B 249 -16.13 -29.78 9.37
N ASN B 250 -17.20 -30.43 8.92
CA ASN B 250 -18.43 -30.54 9.69
C ASN B 250 -18.29 -31.51 10.88
N SER B 251 -17.67 -32.66 10.64
CA SER B 251 -17.57 -33.75 11.63
C SER B 251 -16.44 -33.53 12.63
N ARG B 252 -15.42 -32.77 12.23
CA ARG B 252 -14.32 -32.44 13.13
C ARG B 252 -14.63 -31.21 13.96
N ALA B 253 -15.63 -30.42 13.56
CA ALA B 253 -15.98 -29.16 14.24
C ALA B 253 -16.45 -29.39 15.68
N SER B 254 -16.14 -28.42 16.54
CA SER B 254 -16.64 -28.40 17.93
C SER B 254 -18.13 -28.10 17.94
N GLU B 255 -18.89 -28.85 18.72
CA GLU B 255 -20.35 -28.77 18.69
C GLU B 255 -20.93 -28.07 19.91
N ASN B 256 -22.01 -27.33 19.70
CA ASN B 256 -22.79 -26.72 20.78
C ASN B 256 -21.94 -25.85 21.70
N LYS B 257 -21.05 -25.07 21.07
CA LYS B 257 -20.14 -24.19 21.78
C LYS B 257 -20.56 -22.73 21.66
N VAL B 258 -21.32 -22.41 20.64
CA VAL B 258 -21.62 -21.03 20.27
C VAL B 258 -22.99 -20.58 20.80
N SER B 259 -23.04 -19.35 21.31
CA SER B 259 -24.28 -18.78 21.83
C SER B 259 -24.85 -17.75 20.83
N ASP B 260 -26.17 -17.54 20.90
CA ASP B 260 -26.88 -16.62 20.02
C ASP B 260 -26.70 -17.01 18.56
N THR B 261 -26.90 -18.30 18.29
CA THR B 261 -26.69 -18.86 16.96
C THR B 261 -27.84 -18.51 16.00
N ARG B 262 -29.03 -18.28 16.54
CA ARG B 262 -30.20 -17.85 15.76
C ARG B 262 -30.59 -18.86 14.68
N GLY B 263 -30.70 -20.12 15.05
CA GLY B 263 -31.07 -21.17 14.11
C GLY B 263 -29.93 -21.68 13.23
N THR B 264 -28.70 -21.24 13.52
CA THR B 264 -27.54 -21.72 12.78
C THR B 264 -27.07 -23.04 13.37
N THR B 265 -26.57 -23.93 12.52
CA THR B 265 -25.98 -25.17 13.00
C THR B 265 -24.82 -24.80 13.91
N ASN B 266 -24.80 -25.40 15.09
CA ASN B 266 -23.86 -25.02 16.15
C ASN B 266 -22.56 -25.80 16.02
N LYS B 267 -21.73 -25.33 15.10
CA LYS B 267 -20.44 -25.94 14.80
C LYS B 267 -19.37 -24.87 14.73
N LEU B 268 -18.25 -25.11 15.40
CA LEU B 268 -17.17 -24.14 15.46
C LEU B 268 -15.94 -24.75 14.84
N LEU B 269 -15.26 -23.99 14.00
CA LEU B 269 -14.05 -24.43 13.33
C LEU B 269 -13.10 -25.14 14.31
N TYR B 270 -12.64 -26.32 13.92
CA TYR B 270 -11.64 -27.06 14.68
C TYR B 270 -10.57 -27.57 13.71
N SER B 271 -9.31 -27.34 14.05
CA SER B 271 -8.22 -27.43 13.08
C SER B 271 -7.45 -28.76 13.11
N LEU B 272 -7.71 -29.59 14.13
CA LEU B 272 -6.95 -30.81 14.33
C LEU B 272 -7.78 -32.04 13.98
N ALA B 273 -7.09 -33.17 13.79
CA ALA B 273 -7.73 -34.45 13.48
C ALA B 273 -8.01 -35.23 14.76
N ASP B 274 -9.24 -35.69 14.95
CA ASP B 274 -9.59 -36.49 16.13
C ASP B 274 -8.39 -37.10 16.90
CA CA C . 11.35 29.56 -10.03
CA CA D . -7.52 8.20 3.91
CA CA E . 29.24 10.91 -3.79
C PMS F . 3.91 12.51 -12.58
S PMS F . 5.39 12.05 -11.61
C1 PMS F . 3.93 13.95 -13.04
C2 PMS F . 3.24 14.28 -14.21
C3 PMS F . 3.22 15.60 -14.68
C4 PMS F . 3.89 16.60 -13.97
C5 PMS F . 4.57 16.28 -12.80
C6 PMS F . 4.60 14.97 -12.33
O2S PMS F . 6.75 12.88 -12.48
O1S PMS F . 5.84 10.48 -11.63
CA CA G . -22.87 -25.41 2.32
CA CA H . -3.00 -4.36 -10.71
CA CA I . -5.50 -22.90 22.03
C PMS J . -17.22 -6.50 4.04
S PMS J . -16.35 -8.08 4.42
C1 PMS J . -14.51 -7.18 3.43
C2 PMS J . -15.08 -6.37 2.44
C3 PMS J . -14.52 -6.34 1.15
C4 PMS J . -13.40 -7.14 0.86
C5 PMS J . -12.84 -7.96 1.86
C6 PMS J . -13.39 -7.98 3.14
O2S PMS J . -17.41 -9.30 3.63
O1S PMS J . -16.36 -8.54 5.97
#